data_4D87
#
_entry.id   4D87
#
_cell.length_a   47.840
_cell.length_b   79.140
_cell.length_c   85.930
_cell.angle_alpha   90.00
_cell.angle_beta   103.56
_cell.angle_gamma   90.00
#
_symmetry.space_group_name_H-M   'P 1 21 1'
#
loop_
_entity.id
_entity.type
_entity.pdbx_description
1 polymer Tyrosinase
2 non-polymer 'COPPER (II) ION'
3 non-polymer 'DODECYL SULFATE'
#
_entity_poly.entity_id   1
_entity_poly.type   'polypeptide(L)'
_entity_poly.pdbx_seq_one_letter_code
;MSNKYRVRKNVLHLTDTEKRDFVRTVLILKEKGIYDRYIAWHGAAGKFHTPPGSDRNAAHMSSAFLPWHREYLLRFERDL
QSINPEVTLPYWEWETDAQMQDPSQSQIWSADFMGGNGNPIKDFIVDTGPFAAGRWTTIDEQGNPSGGLKRNFGATKEAP
TLPTRDDVLNALKITQYDTPPWDMTSQNSFRNQLEGFINGPQLHNRVHRWVGGQMGVVPTAPNDPVFFLHHANVDRIWAV
WQIIHRNQNYQPMKNGPFGQNFRDPMYPWNTTPEDVMNHRKLGYVYDIELRKSKRSSHHHHHH
;
_entity_poly.pdbx_strand_id   A,B
#
loop_
_chem_comp.id
_chem_comp.type
_chem_comp.name
_chem_comp.formula
CU non-polymer 'COPPER (II) ION' 'Cu 2'
SDS non-polymer 'DODECYL SULFATE' 'C12 H26 O4 S'
#
# COMPACT_ATOMS: atom_id res chain seq x y z
N LYS A 4 -29.38 8.11 4.30
CA LYS A 4 -28.98 7.32 3.14
C LYS A 4 -29.46 7.96 1.84
N TYR A 5 -28.51 8.28 0.97
CA TYR A 5 -28.83 8.91 -0.31
C TYR A 5 -28.27 8.09 -1.46
N ARG A 6 -26.96 8.18 -1.67
CA ARG A 6 -26.30 7.47 -2.71
C ARG A 6 -27.10 6.21 -2.86
N VAL A 7 -27.27 5.75 -4.09
CA VAL A 7 -28.17 4.65 -4.32
C VAL A 7 -27.57 3.72 -5.34
N ARG A 8 -27.12 2.55 -4.89
CA ARG A 8 -26.37 1.62 -5.72
C ARG A 8 -27.27 0.63 -6.44
N LYS A 9 -27.39 0.76 -7.75
CA LYS A 9 -28.42 0.10 -8.54
C LYS A 9 -27.99 -1.11 -9.29
N ASN A 10 -28.80 -2.13 -9.30
CA ASN A 10 -28.41 -3.32 -10.02
C ASN A 10 -28.11 -2.92 -11.42
N VAL A 11 -27.01 -3.40 -11.91
CA VAL A 11 -26.66 -3.17 -13.29
C VAL A 11 -27.89 -3.24 -14.23
N LEU A 12 -28.69 -4.30 -14.14
CA LEU A 12 -29.84 -4.47 -15.04
C LEU A 12 -31.03 -3.54 -14.81
N HIS A 13 -30.75 -2.45 -14.11
CA HIS A 13 -31.74 -1.47 -13.79
C HIS A 13 -31.19 -0.20 -14.24
N LEU A 14 -30.05 -0.30 -14.88
CA LEU A 14 -29.31 0.89 -15.24
C LEU A 14 -29.79 1.31 -16.60
N THR A 15 -30.43 2.46 -16.64
CA THR A 15 -30.82 3.05 -17.88
C THR A 15 -29.49 3.11 -18.53
N ASP A 16 -29.44 3.41 -19.81
CA ASP A 16 -28.16 3.37 -20.48
C ASP A 16 -27.47 4.69 -20.25
N THR A 17 -27.98 5.77 -20.79
CA THR A 17 -27.20 6.91 -20.37
C THR A 17 -26.49 6.70 -19.04
N GLU A 18 -27.11 5.94 -18.14
CA GLU A 18 -26.50 5.66 -16.84
C GLU A 18 -25.33 4.70 -16.93
N LYS A 19 -25.34 3.87 -17.96
CA LYS A 19 -24.25 2.95 -18.21
C LYS A 19 -23.19 3.71 -18.93
N ARG A 20 -23.62 4.54 -19.86
CA ARG A 20 -22.70 5.36 -20.65
C ARG A 20 -22.00 6.39 -19.76
N ASP A 21 -22.64 6.76 -18.66
CA ASP A 21 -22.08 7.74 -17.74
C ASP A 21 -21.10 7.08 -16.77
N PHE A 22 -21.37 5.82 -16.44
CA PHE A 22 -20.52 5.07 -15.52
C PHE A 22 -19.23 4.62 -16.20
N VAL A 23 -19.35 4.24 -17.47
CA VAL A 23 -18.20 3.78 -18.25
C VAL A 23 -17.32 4.97 -18.65
N ARG A 24 -17.95 6.13 -18.80
CA ARG A 24 -17.24 7.33 -19.16
C ARG A 24 -16.42 7.84 -18.02
N THR A 25 -16.80 7.48 -16.80
CA THR A 25 -16.06 7.98 -15.66
C THR A 25 -14.96 7.04 -15.28
N VAL A 26 -15.23 5.75 -15.32
CA VAL A 26 -14.19 4.80 -15.01
C VAL A 26 -12.98 5.13 -15.85
N LEU A 27 -13.16 5.55 -17.09
CA LEU A 27 -12.02 5.87 -17.92
C LEU A 27 -11.32 7.03 -17.31
N ILE A 28 -12.03 8.11 -17.13
CA ILE A 28 -11.48 9.32 -16.59
C ILE A 28 -10.63 9.05 -15.35
N LEU A 29 -11.15 8.25 -14.47
CA LEU A 29 -10.42 7.80 -13.29
C LEU A 29 -9.17 7.07 -13.72
N LYS A 30 -9.26 6.30 -14.79
CA LYS A 30 -8.13 5.54 -15.28
C LYS A 30 -7.14 6.46 -15.95
N GLU A 31 -7.65 7.33 -16.79
CA GLU A 31 -6.85 8.37 -17.43
C GLU A 31 -6.12 9.23 -16.39
N LYS A 32 -6.80 9.67 -15.35
CA LYS A 32 -6.14 10.54 -14.39
C LYS A 32 -5.27 9.75 -13.44
N GLY A 33 -4.98 8.53 -13.86
CA GLY A 33 -4.04 7.67 -13.20
C GLY A 33 -4.47 7.51 -11.79
N ILE A 34 -5.78 7.60 -11.58
CA ILE A 34 -6.39 7.57 -10.26
C ILE A 34 -6.90 6.19 -10.03
N TYR A 35 -7.08 5.47 -11.09
CA TYR A 35 -7.67 4.17 -11.02
C TYR A 35 -6.62 3.16 -10.71
N ASP A 36 -5.41 3.42 -11.18
CA ASP A 36 -4.28 2.52 -10.95
C ASP A 36 -4.02 2.38 -9.45
N ARG A 37 -4.29 3.39 -8.66
CA ARG A 37 -4.01 3.25 -7.26
C ARG A 37 -4.92 2.33 -6.64
N TYR A 38 -5.90 1.89 -7.34
CA TYR A 38 -6.86 0.91 -6.80
C TYR A 38 -6.41 -0.52 -7.03
N ILE A 39 -5.59 -0.72 -8.06
CA ILE A 39 -5.09 -2.03 -8.39
C ILE A 39 -4.01 -2.24 -7.35
N ALA A 40 -3.18 -1.23 -7.20
CA ALA A 40 -2.05 -1.29 -6.30
C ALA A 40 -2.46 -1.55 -4.87
N TRP A 41 -3.30 -0.71 -4.30
CA TRP A 41 -3.89 -1.05 -3.03
C TRP A 41 -4.25 -2.51 -2.91
N HIS A 42 -5.03 -3.06 -3.83
CA HIS A 42 -5.53 -4.45 -3.67
C HIS A 42 -4.49 -5.47 -3.84
N GLY A 43 -3.35 -5.10 -4.36
CA GLY A 43 -2.32 -6.08 -4.58
C GLY A 43 -1.38 -6.00 -3.43
N ALA A 44 -1.50 -4.92 -2.69
CA ALA A 44 -0.56 -4.58 -1.64
C ALA A 44 -1.02 -5.11 -0.31
N ALA A 45 -2.32 -5.13 -0.09
CA ALA A 45 -2.90 -5.74 1.09
C ALA A 45 -2.80 -7.27 1.00
N GLY A 46 -2.83 -7.81 -0.19
CA GLY A 46 -2.74 -9.25 -0.30
C GLY A 46 -1.35 -9.76 -0.04
N LYS A 47 -0.39 -8.85 -0.02
CA LYS A 47 0.99 -9.24 0.19
C LYS A 47 1.32 -8.92 1.62
N PHE A 48 0.35 -8.39 2.35
CA PHE A 48 0.56 -8.04 3.74
C PHE A 48 -0.07 -9.07 4.61
N HIS A 49 0.68 -10.05 5.10
CA HIS A 49 0.08 -11.08 5.90
C HIS A 49 0.03 -10.71 7.35
N THR A 50 -1.03 -11.12 8.03
CA THR A 50 -1.21 -10.77 9.44
C THR A 50 -1.80 -11.93 10.25
N PRO A 51 -0.97 -12.51 11.11
CA PRO A 51 0.42 -12.08 11.25
C PRO A 51 1.27 -12.51 10.07
N PRO A 52 2.43 -11.86 9.91
CA PRO A 52 3.33 -12.18 8.80
C PRO A 52 3.67 -13.67 8.75
N GLY A 53 3.68 -14.23 7.55
CA GLY A 53 3.98 -15.65 7.37
C GLY A 53 2.74 -16.52 7.49
N SER A 54 1.56 -15.91 7.54
CA SER A 54 0.30 -16.66 7.67
C SER A 54 -0.87 -16.33 6.75
N ASP A 55 -1.23 -17.32 5.92
CA ASP A 55 -2.30 -17.18 4.93
C ASP A 55 -3.08 -15.88 5.04
N ARG A 56 -3.45 -15.51 6.25
CA ARG A 56 -4.31 -14.34 6.44
C ARG A 56 -3.69 -13.08 5.93
N ASN A 57 -4.29 -12.44 4.93
CA ASN A 57 -3.83 -11.14 4.48
C ASN A 57 -4.72 -10.05 4.96
N ALA A 58 -4.40 -8.81 4.63
CA ALA A 58 -5.25 -7.66 5.01
C ALA A 58 -6.68 -7.59 4.43
N ALA A 59 -6.92 -8.27 3.31
CA ALA A 59 -8.22 -8.25 2.66
C ALA A 59 -8.86 -9.63 2.62
N HIS A 60 -8.17 -10.58 2.02
CA HIS A 60 -8.72 -11.92 1.84
C HIS A 60 -8.09 -12.91 2.78
N MET A 61 -8.89 -13.87 3.22
CA MET A 61 -8.40 -14.92 4.11
C MET A 61 -8.65 -14.63 5.59
N SER A 62 -9.21 -13.46 5.88
CA SER A 62 -9.50 -13.09 7.26
C SER A 62 -10.83 -12.36 7.44
N SER A 63 -11.19 -12.09 8.69
CA SER A 63 -12.44 -11.40 8.98
C SER A 63 -12.53 -10.03 8.33
N ALA A 64 -11.39 -9.50 7.90
CA ALA A 64 -11.33 -8.13 7.44
C ALA A 64 -11.77 -7.96 6.00
N PHE A 65 -12.02 -9.08 5.33
CA PHE A 65 -12.30 -9.11 3.89
C PHE A 65 -13.46 -8.19 3.52
N LEU A 66 -14.54 -8.25 4.28
CA LEU A 66 -15.73 -7.50 3.95
C LEU A 66 -15.60 -6.04 4.19
N PRO A 67 -15.23 -5.64 5.41
CA PRO A 67 -15.03 -4.22 5.74
C PRO A 67 -13.92 -3.54 4.90
N TRP A 68 -12.85 -4.28 4.62
CA TRP A 68 -11.81 -3.81 3.73
C TRP A 68 -12.37 -3.52 2.37
N HIS A 69 -12.94 -4.53 1.73
CA HIS A 69 -13.52 -4.31 0.40
C HIS A 69 -14.74 -3.33 0.45
N ARG A 70 -15.29 -3.07 1.63
CA ARG A 70 -16.35 -2.09 1.77
C ARG A 70 -15.78 -0.68 1.73
N GLU A 71 -14.63 -0.52 2.36
CA GLU A 71 -13.83 0.71 2.36
C GLU A 71 -13.26 0.97 0.98
N TYR A 72 -12.56 -0.04 0.45
CA TYR A 72 -12.10 0.02 -0.93
C TYR A 72 -13.18 0.68 -1.79
N LEU A 73 -14.33 0.05 -1.86
CA LEU A 73 -15.39 0.52 -2.75
C LEU A 73 -15.78 1.95 -2.46
N LEU A 74 -16.12 2.22 -1.21
CA LEU A 74 -16.49 3.56 -0.76
C LEU A 74 -15.58 4.64 -1.36
N ARG A 75 -14.28 4.48 -1.13
CA ARG A 75 -13.25 5.38 -1.66
C ARG A 75 -13.35 5.51 -3.16
N PHE A 76 -13.67 4.39 -3.82
CA PHE A 76 -13.81 4.34 -5.27
C PHE A 76 -15.11 5.03 -5.76
N GLU A 77 -16.25 4.68 -5.18
CA GLU A 77 -17.44 5.45 -5.45
C GLU A 77 -17.07 6.91 -5.30
N ARG A 78 -16.50 7.28 -4.15
CA ARG A 78 -16.11 8.65 -3.83
C ARG A 78 -15.32 9.35 -4.90
N ASP A 79 -14.34 8.66 -5.45
CA ASP A 79 -13.58 9.25 -6.52
C ASP A 79 -14.51 9.38 -7.70
N LEU A 80 -15.31 8.35 -7.93
CA LEU A 80 -16.27 8.34 -9.03
C LEU A 80 -17.30 9.44 -8.84
N GLN A 81 -17.52 9.83 -7.58
CA GLN A 81 -18.49 10.87 -7.27
C GLN A 81 -17.91 12.27 -7.53
N SER A 82 -16.85 12.59 -6.80
CA SER A 82 -16.20 13.89 -6.94
C SER A 82 -16.25 14.38 -8.39
N ILE A 83 -16.01 13.45 -9.32
CA ILE A 83 -16.01 13.77 -10.73
C ILE A 83 -17.41 14.03 -11.33
N ASN A 84 -18.26 13.01 -11.29
CA ASN A 84 -19.58 13.11 -11.81
C ASN A 84 -20.50 12.76 -10.64
N PRO A 85 -21.06 13.79 -9.99
CA PRO A 85 -21.77 13.57 -8.72
C PRO A 85 -22.94 12.61 -8.89
N GLU A 86 -23.35 12.40 -10.13
CA GLU A 86 -24.56 11.63 -10.39
C GLU A 86 -24.25 10.17 -10.58
N VAL A 87 -22.99 9.80 -10.46
CA VAL A 87 -22.59 8.40 -10.67
C VAL A 87 -22.36 7.64 -9.37
N THR A 88 -23.00 6.47 -9.26
CA THR A 88 -22.80 5.61 -8.11
C THR A 88 -22.24 4.29 -8.57
N LEU A 89 -21.85 3.45 -7.64
CA LEU A 89 -21.27 2.20 -8.03
C LEU A 89 -22.32 1.12 -7.98
N PRO A 90 -22.62 0.59 -9.15
CA PRO A 90 -23.69 -0.40 -9.33
C PRO A 90 -23.20 -1.77 -8.92
N TYR A 91 -24.14 -2.68 -8.71
CA TYR A 91 -23.78 -4.05 -8.44
C TYR A 91 -24.16 -5.00 -9.56
N TRP A 92 -23.50 -6.14 -9.56
CA TRP A 92 -23.66 -7.18 -10.54
C TRP A 92 -24.30 -8.32 -9.81
N GLU A 93 -25.54 -8.59 -10.11
CA GLU A 93 -26.26 -9.59 -9.36
C GLU A 93 -26.02 -10.97 -9.96
N TRP A 94 -24.80 -11.51 -9.78
CA TRP A 94 -24.47 -12.76 -10.46
C TRP A 94 -25.39 -13.96 -10.12
N GLU A 95 -26.05 -13.96 -8.98
CA GLU A 95 -26.91 -15.08 -8.67
C GLU A 95 -28.14 -15.15 -9.57
N THR A 96 -28.44 -14.05 -10.26
CA THR A 96 -29.60 -14.05 -11.13
C THR A 96 -29.14 -14.35 -12.55
N ASP A 97 -27.88 -14.03 -12.82
CA ASP A 97 -27.31 -14.39 -14.11
C ASP A 97 -27.08 -15.87 -14.14
N ALA A 98 -26.98 -16.47 -12.96
CA ALA A 98 -26.62 -17.86 -12.92
C ALA A 98 -27.77 -18.68 -13.45
N GLN A 99 -28.95 -18.11 -13.55
CA GLN A 99 -30.05 -18.86 -14.10
C GLN A 99 -29.85 -19.01 -15.61
N MET A 100 -29.59 -17.90 -16.27
CA MET A 100 -29.62 -17.90 -17.73
C MET A 100 -29.03 -19.18 -18.27
N GLN A 101 -29.60 -19.64 -19.39
CA GLN A 101 -29.06 -20.75 -20.15
C GLN A 101 -27.57 -20.54 -20.37
N ASP A 102 -27.20 -19.34 -20.79
CA ASP A 102 -25.79 -19.02 -20.84
C ASP A 102 -25.55 -17.67 -20.21
N PRO A 103 -25.18 -17.65 -18.94
CA PRO A 103 -25.02 -16.38 -18.25
C PRO A 103 -23.96 -15.48 -18.86
N SER A 104 -23.48 -15.80 -20.04
CA SER A 104 -22.57 -14.85 -20.69
C SER A 104 -23.36 -13.82 -21.48
N GLN A 105 -24.51 -14.28 -21.98
CA GLN A 105 -25.47 -13.39 -22.62
C GLN A 105 -25.98 -12.26 -21.72
N SER A 106 -25.62 -12.26 -20.44
CA SER A 106 -26.08 -11.17 -19.60
C SER A 106 -25.89 -9.85 -20.34
N GLN A 107 -26.63 -8.83 -19.97
CA GLN A 107 -26.47 -7.57 -20.65
C GLN A 107 -25.46 -6.75 -19.90
N ILE A 108 -24.70 -7.40 -19.05
CA ILE A 108 -23.58 -6.72 -18.45
C ILE A 108 -22.32 -6.89 -19.26
N TRP A 109 -22.28 -7.86 -20.15
CA TRP A 109 -21.11 -8.03 -21.00
C TRP A 109 -21.35 -7.38 -22.35
N SER A 110 -22.35 -6.51 -22.39
CA SER A 110 -22.72 -5.83 -23.62
C SER A 110 -21.63 -4.86 -24.03
N ALA A 111 -21.57 -4.61 -25.34
CA ALA A 111 -20.47 -3.86 -25.94
C ALA A 111 -20.37 -2.42 -25.44
N ASP A 112 -21.51 -1.83 -25.14
CA ASP A 112 -21.57 -0.47 -24.59
C ASP A 112 -21.34 -0.42 -23.09
N PHE A 113 -21.11 -1.57 -22.48
CA PHE A 113 -20.95 -1.66 -21.03
C PHE A 113 -19.59 -2.05 -20.45
N MET A 114 -19.37 -3.35 -20.28
CA MET A 114 -18.04 -3.82 -19.91
C MET A 114 -17.30 -4.46 -21.06
N GLY A 115 -18.05 -5.00 -21.99
CA GLY A 115 -17.42 -5.79 -23.04
C GLY A 115 -17.76 -7.24 -22.77
N GLY A 116 -17.38 -8.13 -23.69
CA GLY A 116 -17.69 -9.53 -23.52
C GLY A 116 -16.50 -10.39 -23.07
N ASN A 117 -16.50 -11.65 -23.54
CA ASN A 117 -15.54 -12.65 -23.13
C ASN A 117 -14.25 -12.58 -23.95
N GLY A 118 -13.25 -13.31 -23.46
CA GLY A 118 -11.97 -13.38 -24.12
C GLY A 118 -12.06 -14.00 -25.49
N ASN A 119 -11.25 -13.49 -26.40
CA ASN A 119 -11.09 -14.01 -27.72
C ASN A 119 -10.01 -15.09 -27.74
N PRO A 120 -10.41 -16.35 -27.91
CA PRO A 120 -9.50 -17.51 -27.89
C PRO A 120 -8.39 -17.40 -28.92
N ILE A 121 -8.59 -16.58 -29.94
CA ILE A 121 -7.55 -16.44 -30.96
C ILE A 121 -6.39 -15.61 -30.41
N LYS A 122 -6.68 -14.51 -29.71
CA LYS A 122 -5.65 -13.60 -29.20
C LYS A 122 -5.34 -13.94 -27.79
N ASP A 123 -5.35 -15.22 -27.49
CA ASP A 123 -5.08 -15.67 -26.15
C ASP A 123 -6.00 -14.98 -25.18
N PHE A 124 -7.29 -15.09 -25.45
CA PHE A 124 -8.32 -14.63 -24.56
C PHE A 124 -8.26 -13.17 -24.15
N ILE A 125 -7.65 -12.35 -24.97
CA ILE A 125 -7.70 -10.93 -24.77
C ILE A 125 -9.13 -10.55 -24.92
N VAL A 126 -9.49 -9.40 -24.35
CA VAL A 126 -10.84 -8.84 -24.57
C VAL A 126 -10.73 -7.79 -25.65
N ASP A 127 -11.44 -7.95 -26.75
CA ASP A 127 -11.35 -6.98 -27.83
C ASP A 127 -12.62 -6.20 -28.07
N THR A 128 -13.62 -6.45 -27.26
CA THR A 128 -14.95 -5.94 -27.47
C THR A 128 -15.39 -5.10 -26.31
N GLY A 129 -15.71 -3.84 -26.56
CA GLY A 129 -16.27 -3.03 -25.48
C GLY A 129 -15.33 -1.98 -24.91
N PRO A 130 -15.81 -1.11 -24.06
CA PRO A 130 -14.99 0.04 -23.70
C PRO A 130 -13.63 -0.29 -23.10
N PHE A 131 -13.29 -1.55 -23.21
CA PHE A 131 -12.22 -2.00 -22.42
C PHE A 131 -11.29 -2.95 -23.00
N ALA A 132 -11.32 -3.17 -24.30
CA ALA A 132 -10.49 -4.23 -24.81
C ALA A 132 -9.17 -3.71 -25.24
N ALA A 133 -8.12 -4.49 -25.03
CA ALA A 133 -6.77 -4.12 -25.43
C ALA A 133 -7.00 -3.07 -26.51
N GLY A 134 -6.39 -1.90 -26.34
CA GLY A 134 -6.55 -0.84 -27.30
C GLY A 134 -7.10 0.48 -26.73
N ARG A 135 -7.88 0.38 -25.66
CA ARG A 135 -8.44 1.54 -25.04
C ARG A 135 -8.36 1.29 -23.57
N TRP A 136 -7.79 0.16 -23.21
CA TRP A 136 -7.61 -0.13 -21.82
C TRP A 136 -6.25 -0.70 -21.65
N THR A 137 -5.56 -0.26 -20.62
CA THR A 137 -4.19 -0.64 -20.30
C THR A 137 -4.14 -1.46 -19.05
N THR A 138 -3.31 -2.52 -19.04
CA THR A 138 -3.35 -3.54 -17.99
C THR A 138 -2.05 -3.85 -17.23
N ILE A 139 -1.90 -3.32 -16.01
CA ILE A 139 -0.81 -3.66 -15.11
C ILE A 139 -0.89 -5.09 -14.63
N ASP A 140 0.24 -5.68 -14.25
CA ASP A 140 0.30 -7.06 -13.72
C ASP A 140 0.88 -7.13 -12.32
N GLU A 141 1.34 -8.28 -11.85
CA GLU A 141 1.68 -8.33 -10.44
C GLU A 141 2.83 -7.39 -10.02
N GLN A 142 3.88 -7.28 -10.81
CA GLN A 142 4.95 -6.45 -10.35
C GLN A 142 4.50 -4.99 -10.35
N GLY A 143 3.65 -4.60 -11.28
CA GLY A 143 3.32 -3.19 -11.45
C GLY A 143 3.64 -2.62 -12.83
N ASN A 144 3.98 -3.45 -13.79
CA ASN A 144 4.25 -2.91 -15.13
C ASN A 144 3.26 -3.38 -16.20
N PRO A 145 2.91 -2.48 -17.12
CA PRO A 145 2.00 -2.81 -18.21
C PRO A 145 2.22 -4.23 -18.72
N SER A 146 1.12 -4.95 -18.94
CA SER A 146 1.18 -6.31 -19.47
C SER A 146 0.68 -6.32 -20.91
N GLY A 147 -0.50 -5.75 -21.14
CA GLY A 147 -1.05 -5.66 -22.48
C GLY A 147 -2.46 -6.12 -22.25
N GLY A 148 -3.37 -5.18 -21.95
CA GLY A 148 -4.81 -5.27 -22.12
C GLY A 148 -5.57 -5.96 -21.02
N LEU A 149 -6.63 -6.66 -21.43
CA LEU A 149 -7.55 -7.29 -20.52
C LEU A 149 -7.70 -8.69 -21.02
N LYS A 150 -7.90 -9.62 -20.09
CA LYS A 150 -8.25 -10.98 -20.46
C LYS A 150 -9.50 -11.46 -19.70
N ARG A 151 -10.35 -12.21 -20.39
CA ARG A 151 -11.45 -12.94 -19.75
C ARG A 151 -11.49 -14.34 -20.33
N ASN A 152 -11.99 -15.30 -19.57
CA ASN A 152 -12.34 -16.63 -20.05
C ASN A 152 -13.43 -17.19 -19.19
N PHE A 153 -14.68 -16.94 -19.55
CA PHE A 153 -15.82 -17.34 -18.71
C PHE A 153 -15.93 -18.85 -18.47
N GLY A 154 -15.88 -19.23 -17.18
CA GLY A 154 -16.08 -20.59 -16.73
C GLY A 154 -15.28 -21.67 -17.46
N ALA A 155 -14.00 -21.40 -17.73
CA ALA A 155 -13.15 -22.38 -18.41
C ALA A 155 -12.49 -23.26 -17.37
N THR A 156 -12.62 -22.86 -16.11
CA THR A 156 -12.04 -23.65 -15.03
C THR A 156 -12.95 -24.78 -14.62
N LYS A 157 -12.43 -26.00 -14.56
CA LYS A 157 -13.25 -27.12 -14.18
C LYS A 157 -13.67 -27.01 -12.74
N GLU A 158 -13.05 -26.04 -12.08
CA GLU A 158 -13.18 -25.76 -10.67
C GLU A 158 -14.38 -24.88 -10.42
N ALA A 159 -14.69 -24.10 -11.41
CA ALA A 159 -15.72 -23.06 -11.35
C ALA A 159 -16.39 -22.82 -12.72
N PRO A 160 -17.08 -23.84 -13.23
CA PRO A 160 -17.68 -23.80 -14.56
C PRO A 160 -18.89 -22.90 -14.56
N THR A 161 -19.41 -22.58 -13.38
CA THR A 161 -20.68 -21.92 -13.25
C THR A 161 -20.68 -20.95 -12.05
N LEU A 162 -21.28 -19.79 -12.24
CA LEU A 162 -21.35 -18.78 -11.19
C LEU A 162 -22.18 -19.27 -10.01
N PRO A 163 -21.99 -18.64 -8.85
CA PRO A 163 -22.72 -19.01 -7.63
C PRO A 163 -24.21 -19.21 -7.92
N THR A 164 -24.90 -19.88 -7.00
CA THR A 164 -26.32 -20.13 -7.15
C THR A 164 -27.15 -19.21 -6.27
N ARG A 165 -28.07 -18.47 -6.88
CA ARG A 165 -28.91 -17.55 -6.17
C ARG A 165 -29.56 -18.24 -4.99
N ASP A 166 -29.47 -19.56 -4.96
CA ASP A 166 -30.04 -20.34 -3.88
C ASP A 166 -28.93 -20.62 -2.90
N ASP A 167 -27.70 -20.42 -3.32
CA ASP A 167 -26.56 -20.49 -2.43
C ASP A 167 -26.62 -19.27 -1.58
N VAL A 168 -26.55 -18.14 -2.22
CA VAL A 168 -26.60 -16.89 -1.48
C VAL A 168 -27.48 -17.02 -0.23
N LEU A 169 -28.78 -17.29 -0.41
CA LEU A 169 -29.65 -17.54 0.75
C LEU A 169 -28.96 -18.37 1.84
N ASN A 170 -28.37 -19.50 1.47
CA ASN A 170 -27.77 -20.37 2.46
C ASN A 170 -26.76 -19.64 3.32
N ALA A 171 -25.89 -18.87 2.67
CA ALA A 171 -24.88 -18.09 3.38
C ALA A 171 -25.48 -16.99 4.28
N LEU A 172 -26.67 -16.51 3.95
CA LEU A 172 -27.33 -15.49 4.76
C LEU A 172 -27.97 -16.11 5.99
N LYS A 173 -27.97 -17.43 6.07
CA LYS A 173 -28.61 -18.09 7.21
C LYS A 173 -27.62 -18.15 8.37
N ILE A 174 -26.34 -18.22 8.02
CA ILE A 174 -25.25 -18.31 9.00
C ILE A 174 -25.45 -17.30 10.13
N THR A 175 -25.33 -17.75 11.37
CA THR A 175 -25.55 -16.87 12.51
C THR A 175 -24.34 -15.95 12.82
N GLN A 176 -23.13 -16.50 12.72
CA GLN A 176 -21.88 -15.81 13.09
C GLN A 176 -21.21 -15.16 11.91
N TYR A 177 -20.88 -13.88 12.10
CA TYR A 177 -20.09 -13.17 11.13
C TYR A 177 -18.78 -13.93 10.83
N ASP A 178 -18.08 -14.34 11.88
CA ASP A 178 -16.86 -15.11 11.67
C ASP A 178 -16.52 -15.91 12.92
N THR A 179 -15.55 -16.79 12.78
CA THR A 179 -15.12 -17.54 13.91
C THR A 179 -13.71 -18.08 13.86
N PRO A 180 -13.08 -18.18 15.02
CA PRO A 180 -11.76 -18.77 15.18
C PRO A 180 -11.49 -19.83 14.15
N PRO A 181 -10.27 -19.97 13.66
CA PRO A 181 -9.16 -19.02 13.82
C PRO A 181 -9.21 -17.80 12.87
N TRP A 182 -10.37 -17.47 12.33
CA TRP A 182 -10.49 -16.31 11.48
C TRP A 182 -9.68 -16.43 10.26
N ASP A 183 -9.82 -17.54 9.57
CA ASP A 183 -9.06 -17.75 8.34
C ASP A 183 -9.81 -18.70 7.42
N MET A 184 -9.14 -19.25 6.43
CA MET A 184 -9.77 -20.09 5.45
C MET A 184 -10.59 -21.19 6.03
N THR A 185 -10.16 -21.71 7.16
CA THR A 185 -10.76 -22.90 7.75
C THR A 185 -11.92 -22.62 8.71
N SER A 186 -12.17 -21.33 8.99
CA SER A 186 -13.26 -20.91 9.87
C SER A 186 -14.49 -21.74 9.57
N GLN A 187 -15.16 -22.28 10.57
CA GLN A 187 -16.39 -22.99 10.26
C GLN A 187 -17.60 -22.17 10.70
N ASN A 188 -18.73 -22.37 10.03
CA ASN A 188 -19.99 -21.70 10.32
C ASN A 188 -19.86 -20.20 10.44
N SER A 189 -19.06 -19.64 9.55
CA SER A 189 -18.81 -18.22 9.51
C SER A 189 -19.42 -17.65 8.26
N PHE A 190 -20.24 -16.63 8.45
CA PHE A 190 -20.78 -15.89 7.33
C PHE A 190 -19.63 -15.41 6.45
N ARG A 191 -18.59 -14.86 7.07
CA ARG A 191 -17.53 -14.20 6.32
C ARG A 191 -16.75 -15.18 5.47
N ASN A 192 -16.59 -16.39 5.95
CA ASN A 192 -15.79 -17.35 5.23
C ASN A 192 -16.62 -17.96 4.11
N GLN A 193 -17.88 -18.23 4.37
CA GLN A 193 -18.73 -18.73 3.31
C GLN A 193 -18.84 -17.69 2.20
N LEU A 194 -19.34 -16.50 2.52
CA LEU A 194 -19.43 -15.48 1.47
C LEU A 194 -18.13 -15.33 0.68
N GLU A 195 -16.98 -15.58 1.31
CA GLU A 195 -15.72 -15.38 0.63
C GLU A 195 -15.49 -16.51 -0.33
N GLY A 196 -15.82 -17.72 0.11
CA GLY A 196 -15.99 -18.84 -0.79
C GLY A 196 -15.17 -20.07 -0.48
N PHE A 197 -14.72 -20.20 0.76
CA PHE A 197 -13.70 -21.18 1.09
C PHE A 197 -14.30 -22.53 1.51
N ILE A 198 -15.45 -22.45 2.15
CA ILE A 198 -16.25 -23.61 2.52
C ILE A 198 -16.39 -24.39 1.20
N ASN A 199 -15.75 -25.57 1.10
CA ASN A 199 -15.77 -26.38 -0.13
C ASN A 199 -15.37 -25.64 -1.38
N GLY A 200 -14.54 -24.62 -1.20
CA GLY A 200 -14.18 -23.71 -2.27
C GLY A 200 -13.83 -24.35 -3.58
N PRO A 201 -14.05 -23.60 -4.67
CA PRO A 201 -14.35 -22.18 -4.58
C PRO A 201 -15.86 -21.92 -4.58
N GLN A 202 -16.32 -21.06 -3.67
CA GLN A 202 -17.73 -20.74 -3.68
C GLN A 202 -17.98 -19.25 -3.72
N LEU A 203 -19.17 -18.89 -4.14
CA LEU A 203 -19.60 -17.51 -4.08
C LEU A 203 -18.49 -16.59 -4.58
N HIS A 204 -17.96 -15.74 -3.70
CA HIS A 204 -17.03 -14.69 -4.09
C HIS A 204 -15.79 -15.22 -4.80
N ASN A 205 -15.18 -16.25 -4.23
CA ASN A 205 -14.07 -16.90 -4.88
C ASN A 205 -14.54 -17.57 -6.16
N ARG A 206 -15.73 -18.14 -6.20
CA ARG A 206 -16.17 -18.73 -7.45
C ARG A 206 -16.50 -17.72 -8.50
N VAL A 207 -17.09 -16.59 -8.10
CA VAL A 207 -17.16 -15.48 -9.07
C VAL A 207 -15.81 -15.23 -9.78
N HIS A 208 -14.74 -14.95 -9.01
CA HIS A 208 -13.42 -14.63 -9.58
C HIS A 208 -12.79 -15.59 -10.57
N ARG A 209 -12.88 -16.89 -10.26
CA ARG A 209 -12.34 -17.93 -11.13
C ARG A 209 -13.25 -18.14 -12.33
N TRP A 210 -14.52 -17.78 -12.17
CA TRP A 210 -15.49 -17.92 -13.24
C TRP A 210 -15.15 -17.04 -14.40
N VAL A 211 -14.87 -15.77 -14.10
CA VAL A 211 -14.49 -14.79 -15.14
C VAL A 211 -13.13 -15.02 -15.75
N GLY A 212 -12.22 -15.58 -14.97
CA GLY A 212 -10.88 -15.85 -15.47
C GLY A 212 -10.09 -14.59 -15.83
N GLY A 213 -9.03 -14.76 -16.60
CA GLY A 213 -8.14 -13.67 -16.91
C GLY A 213 -7.66 -13.07 -15.62
N GLN A 214 -7.47 -11.76 -15.61
CA GLN A 214 -6.93 -11.08 -14.43
C GLN A 214 -7.80 -11.35 -13.22
N MET A 215 -9.10 -11.54 -13.45
CA MET A 215 -10.00 -11.65 -12.34
C MET A 215 -9.86 -12.98 -11.65
N GLY A 216 -8.98 -13.80 -12.18
CA GLY A 216 -8.80 -15.14 -11.64
C GLY A 216 -7.75 -15.18 -10.56
N VAL A 217 -6.91 -14.16 -10.59
CA VAL A 217 -5.74 -14.07 -9.75
C VAL A 217 -5.96 -12.94 -8.78
N VAL A 218 -5.59 -13.18 -7.54
CA VAL A 218 -5.93 -12.31 -6.46
C VAL A 218 -5.41 -10.92 -6.63
N PRO A 219 -4.18 -10.80 -7.08
CA PRO A 219 -3.47 -9.53 -7.14
C PRO A 219 -3.80 -8.70 -8.36
N THR A 220 -3.99 -9.31 -9.51
CA THR A 220 -4.40 -8.61 -10.73
C THR A 220 -5.92 -8.45 -10.93
N ALA A 221 -6.69 -9.03 -10.02
CA ALA A 221 -8.13 -8.88 -10.04
C ALA A 221 -8.62 -7.50 -10.49
N PRO A 222 -8.36 -6.46 -9.67
CA PRO A 222 -8.98 -5.16 -10.00
C PRO A 222 -8.61 -4.52 -11.34
N ASN A 223 -7.88 -5.19 -12.21
CA ASN A 223 -7.61 -4.63 -13.53
C ASN A 223 -8.93 -4.48 -14.27
N ASP A 224 -9.84 -5.36 -13.91
CA ASP A 224 -11.08 -5.59 -14.65
C ASP A 224 -12.25 -4.87 -13.97
N PRO A 225 -12.76 -3.81 -14.60
CA PRO A 225 -13.71 -2.94 -13.89
C PRO A 225 -14.78 -3.75 -13.15
N VAL A 226 -15.13 -4.91 -13.69
CA VAL A 226 -16.21 -5.73 -13.13
C VAL A 226 -15.95 -6.12 -11.66
N PHE A 227 -14.66 -6.25 -11.30
CA PHE A 227 -14.23 -6.41 -9.92
C PHE A 227 -15.11 -5.63 -8.95
N PHE A 228 -15.39 -4.37 -9.29
CA PHE A 228 -16.09 -3.46 -8.40
C PHE A 228 -17.60 -3.72 -8.37
N LEU A 229 -18.21 -3.90 -9.53
CA LEU A 229 -19.58 -4.37 -9.50
C LEU A 229 -19.61 -5.63 -8.69
N HIS A 230 -18.70 -6.56 -9.01
CA HIS A 230 -18.69 -7.83 -8.32
C HIS A 230 -18.74 -7.52 -6.87
N HIS A 231 -17.71 -6.85 -6.40
CA HIS A 231 -17.63 -6.48 -5.01
C HIS A 231 -18.79 -5.62 -4.55
N ALA A 232 -19.38 -4.84 -5.45
CA ALA A 232 -20.60 -4.08 -5.12
C ALA A 232 -21.60 -5.09 -4.57
N ASN A 233 -21.86 -6.12 -5.37
CA ASN A 233 -22.84 -7.13 -5.01
C ASN A 233 -22.49 -7.81 -3.71
N VAL A 234 -21.20 -8.07 -3.52
CA VAL A 234 -20.70 -8.78 -2.35
C VAL A 234 -20.94 -7.97 -1.09
N ASP A 235 -20.93 -6.65 -1.24
CA ASP A 235 -21.12 -5.72 -0.13
C ASP A 235 -22.60 -5.63 0.21
N ARG A 236 -23.42 -5.83 -0.83
CA ARG A 236 -24.88 -5.73 -0.77
C ARG A 236 -25.42 -6.90 0.03
N ILE A 237 -24.84 -8.05 -0.24
CA ILE A 237 -25.12 -9.28 0.46
C ILE A 237 -24.79 -9.17 1.95
N TRP A 238 -23.63 -8.60 2.25
CA TRP A 238 -23.25 -8.41 3.64
C TRP A 238 -24.30 -7.54 4.26
N ALA A 239 -24.57 -6.48 3.52
CA ALA A 239 -25.46 -5.44 3.97
C ALA A 239 -26.77 -6.06 4.31
N VAL A 240 -27.22 -6.99 3.48
CA VAL A 240 -28.45 -7.70 3.77
C VAL A 240 -28.25 -8.50 5.04
N TRP A 241 -27.11 -9.16 5.14
CA TRP A 241 -26.81 -10.00 6.28
C TRP A 241 -26.88 -9.21 7.55
N GLN A 242 -26.52 -7.93 7.47
CA GLN A 242 -26.43 -7.11 8.66
C GLN A 242 -27.81 -6.73 9.16
N ILE A 243 -28.75 -6.66 8.24
CA ILE A 243 -30.12 -6.28 8.57
C ILE A 243 -30.88 -7.45 9.13
N ILE A 244 -30.66 -8.59 8.51
CA ILE A 244 -31.21 -9.83 8.98
C ILE A 244 -30.85 -10.25 10.38
N HIS A 245 -29.56 -10.48 10.58
CA HIS A 245 -28.94 -10.75 11.87
C HIS A 245 -28.52 -9.46 12.41
N ARG A 246 -29.46 -8.61 12.78
CA ARG A 246 -29.00 -7.32 13.27
C ARG A 246 -28.31 -7.47 14.63
N ASN A 247 -28.86 -8.23 15.54
CA ASN A 247 -28.19 -8.33 16.81
C ASN A 247 -26.69 -8.52 16.61
N GLN A 248 -26.29 -9.64 16.04
CA GLN A 248 -24.88 -9.98 15.79
C GLN A 248 -23.99 -8.88 15.25
N ASN A 249 -22.71 -8.94 15.61
CA ASN A 249 -21.77 -7.91 15.24
C ASN A 249 -20.47 -8.45 14.70
N TYR A 250 -19.60 -7.57 14.25
CA TYR A 250 -18.33 -7.97 13.67
C TYR A 250 -17.53 -8.82 14.66
N GLN A 251 -16.73 -9.74 14.14
CA GLN A 251 -15.83 -10.53 14.97
C GLN A 251 -14.58 -10.78 14.17
N PRO A 252 -13.42 -10.81 14.85
CA PRO A 252 -13.28 -10.75 16.30
C PRO A 252 -13.28 -9.32 16.84
N MET A 253 -13.58 -9.13 18.11
CA MET A 253 -13.58 -7.80 18.67
C MET A 253 -12.21 -7.42 19.20
N LYS A 254 -11.54 -8.42 19.74
CA LYS A 254 -10.21 -8.26 20.32
C LYS A 254 -9.54 -9.61 20.29
N ASN A 255 -8.39 -9.76 20.91
CA ASN A 255 -7.79 -11.06 20.79
C ASN A 255 -7.62 -11.39 19.33
N GLY A 256 -7.98 -10.45 18.45
CA GLY A 256 -7.82 -10.60 17.01
C GLY A 256 -6.43 -10.32 16.51
N PRO A 257 -6.06 -10.96 15.40
CA PRO A 257 -4.75 -10.79 14.76
C PRO A 257 -4.51 -9.39 14.24
N PHE A 258 -3.58 -8.65 14.83
CA PHE A 258 -3.58 -7.23 14.57
C PHE A 258 -3.88 -7.00 13.13
N GLY A 259 -4.95 -6.23 12.91
CA GLY A 259 -5.47 -5.90 11.61
C GLY A 259 -6.73 -6.68 11.30
N GLN A 260 -7.25 -7.42 12.27
CA GLN A 260 -8.42 -8.26 12.02
C GLN A 260 -9.48 -8.00 13.09
N ASN A 261 -9.11 -7.22 14.08
CA ASN A 261 -10.02 -6.90 15.16
C ASN A 261 -10.86 -5.67 14.86
N PHE A 262 -12.00 -5.57 15.54
CA PHE A 262 -13.02 -4.56 15.27
C PHE A 262 -12.53 -3.12 15.10
N ARG A 263 -11.45 -2.78 15.81
CA ARG A 263 -10.93 -1.40 15.87
C ARG A 263 -9.47 -1.24 15.41
N ASP A 264 -8.94 -2.25 14.72
CA ASP A 264 -7.60 -2.16 14.12
C ASP A 264 -7.74 -1.40 12.81
N PRO A 265 -6.69 -0.67 12.41
CA PRO A 265 -6.66 -0.08 11.08
C PRO A 265 -6.37 -1.21 10.11
N MET A 266 -6.90 -1.09 8.90
CA MET A 266 -6.75 -2.12 7.90
C MET A 266 -5.80 -1.67 6.82
N TYR A 267 -4.59 -2.21 6.82
CA TYR A 267 -3.65 -1.90 5.78
C TYR A 267 -4.38 -1.99 4.45
N PRO A 268 -4.14 -1.04 3.54
CA PRO A 268 -3.15 0.02 3.64
C PRO A 268 -3.65 1.30 4.31
N TRP A 269 -4.86 1.29 4.86
CA TRP A 269 -5.46 2.52 5.40
C TRP A 269 -5.41 2.58 6.94
N ASN A 270 -5.91 3.70 7.50
CA ASN A 270 -6.08 3.83 8.95
C ASN A 270 -7.48 3.40 9.43
N THR A 271 -8.41 3.32 8.46
CA THR A 271 -9.81 2.96 8.68
C THR A 271 -10.04 1.59 9.32
N THR A 272 -11.00 1.50 10.24
CA THR A 272 -11.23 0.27 11.00
C THR A 272 -12.56 -0.39 10.60
N PRO A 273 -12.66 -1.71 10.82
CA PRO A 273 -13.94 -2.37 10.54
C PRO A 273 -15.06 -1.54 11.15
N GLU A 274 -14.83 -0.99 12.32
CA GLU A 274 -15.87 -0.21 12.97
C GLU A 274 -16.30 0.92 12.07
N ASP A 275 -15.37 1.53 11.38
CA ASP A 275 -15.66 2.76 10.66
C ASP A 275 -16.66 2.61 9.56
N VAL A 276 -16.88 1.37 9.14
CA VAL A 276 -17.74 1.11 8.02
C VAL A 276 -18.72 -0.01 8.30
N MET A 277 -19.20 -0.17 9.52
CA MET A 277 -20.07 -1.32 9.71
C MET A 277 -21.47 -0.93 9.42
N ASN A 278 -21.70 0.37 9.37
CA ASN A 278 -22.98 0.88 8.94
C ASN A 278 -22.82 1.63 7.63
N HIS A 279 -23.34 1.04 6.56
CA HIS A 279 -23.11 1.55 5.22
C HIS A 279 -23.93 2.81 5.00
N ARG A 280 -25.09 2.91 5.60
CA ARG A 280 -25.79 4.15 5.47
C ARG A 280 -24.83 5.23 5.86
N LYS A 281 -24.38 5.17 7.10
CA LYS A 281 -23.55 6.24 7.65
C LYS A 281 -22.41 6.61 6.72
N LEU A 282 -22.14 5.74 5.76
CA LEU A 282 -21.14 5.96 4.74
C LEU A 282 -21.81 6.67 3.59
N GLY A 283 -23.11 6.86 3.71
CA GLY A 283 -23.84 7.70 2.77
C GLY A 283 -24.26 7.04 1.46
N TYR A 284 -24.37 5.72 1.43
CA TYR A 284 -24.94 5.02 0.28
C TYR A 284 -25.89 3.96 0.75
N VAL A 285 -26.82 3.57 -0.12
CA VAL A 285 -27.66 2.44 0.16
C VAL A 285 -27.98 1.76 -1.16
N TYR A 286 -28.42 0.51 -1.01
CA TYR A 286 -28.79 -0.38 -2.08
C TYR A 286 -30.27 -0.29 -2.36
N ASP A 287 -30.58 -0.07 -3.62
CA ASP A 287 -31.93 0.02 -4.09
C ASP A 287 -32.70 -1.19 -3.66
N ILE A 288 -32.90 -1.28 -2.34
CA ILE A 288 -33.87 -2.15 -1.74
C ILE A 288 -33.73 -1.59 -0.37
N GLU A 289 -34.81 -1.06 0.17
CA GLU A 289 -34.69 -0.12 1.27
C GLU A 289 -36.04 0.17 1.86
N LYS B 4 6.59 25.01 16.20
CA LYS B 4 7.40 23.89 15.78
C LYS B 4 7.99 23.18 16.99
N TYR B 5 7.21 22.28 17.57
CA TYR B 5 7.63 21.54 18.76
C TYR B 5 8.11 20.16 18.34
N ARG B 6 8.13 19.22 19.29
CA ARG B 6 8.71 17.91 19.06
C ARG B 6 10.08 17.89 18.39
N VAL B 7 11.10 18.29 19.14
CA VAL B 7 12.45 18.39 18.59
C VAL B 7 13.14 17.06 18.28
N ARG B 8 13.54 16.90 17.03
CA ARG B 8 14.27 15.70 16.60
C ARG B 8 15.76 15.94 16.76
N LYS B 9 16.41 15.04 17.50
CA LYS B 9 17.77 15.18 18.02
C LYS B 9 18.85 14.31 17.40
N ASN B 10 19.97 14.90 16.97
CA ASN B 10 21.14 14.12 16.61
C ASN B 10 21.29 12.97 17.58
N VAL B 11 21.61 11.81 17.06
CA VAL B 11 21.69 10.60 17.83
C VAL B 11 22.80 10.63 18.86
N LEU B 12 23.75 11.52 18.70
CA LEU B 12 24.90 11.57 19.61
C LEU B 12 24.60 12.47 20.77
N HIS B 13 23.58 13.29 20.60
CA HIS B 13 23.17 14.22 21.61
C HIS B 13 22.24 13.61 22.61
N LEU B 14 21.74 12.44 22.32
CA LEU B 14 20.75 11.85 23.20
C LEU B 14 21.38 11.32 24.47
N THR B 15 20.59 11.20 25.53
CA THR B 15 21.08 10.62 26.76
C THR B 15 21.17 9.13 26.61
N ASP B 16 21.29 8.42 27.73
CA ASP B 16 21.30 6.97 27.72
C ASP B 16 19.94 6.50 28.16
N THR B 17 19.12 7.41 28.65
CA THR B 17 17.74 7.09 28.90
C THR B 17 16.95 7.37 27.63
N GLU B 18 17.21 8.48 26.96
CA GLU B 18 16.52 8.74 25.71
C GLU B 18 16.58 7.53 24.77
N LYS B 19 17.80 7.17 24.41
CA LYS B 19 18.16 5.93 23.73
C LYS B 19 17.55 4.67 24.32
N ARG B 20 17.35 4.63 25.62
CA ARG B 20 16.77 3.45 26.25
C ARG B 20 15.35 3.41 25.86
N ASP B 21 14.78 4.60 25.73
CA ASP B 21 13.37 4.74 25.44
C ASP B 21 13.14 4.41 24.00
N PHE B 22 13.54 5.28 23.10
CA PHE B 22 13.36 4.95 21.70
C PHE B 22 13.39 3.55 21.18
N VAL B 23 14.38 2.83 21.66
CA VAL B 23 14.68 1.50 21.19
C VAL B 23 13.69 0.60 21.83
N ARG B 24 12.89 1.14 22.72
CA ARG B 24 12.01 0.31 23.50
C ARG B 24 10.63 0.54 22.95
N THR B 25 10.40 1.77 22.49
CA THR B 25 9.16 2.12 21.82
C THR B 25 9.04 1.46 20.46
N VAL B 26 10.18 1.28 19.82
CA VAL B 26 10.22 0.69 18.51
C VAL B 26 9.85 -0.76 18.64
N LEU B 27 10.40 -1.40 19.67
CA LEU B 27 10.09 -2.81 19.93
C LEU B 27 8.61 -3.00 20.22
N ILE B 28 8.00 -2.00 20.85
CA ILE B 28 6.57 -2.05 21.21
C ILE B 28 5.66 -1.74 20.04
N LEU B 29 6.21 -1.06 19.05
CA LEU B 29 5.57 -0.97 17.76
C LEU B 29 5.71 -2.36 17.18
N LYS B 30 6.95 -2.74 16.95
CA LYS B 30 7.27 -3.86 16.12
C LYS B 30 6.37 -4.98 16.43
N GLU B 31 5.81 -4.98 17.61
CA GLU B 31 5.12 -6.16 18.05
C GLU B 31 3.67 -5.99 18.41
N LYS B 32 3.11 -4.82 18.11
CA LYS B 32 1.69 -4.66 18.18
C LYS B 32 1.22 -4.86 16.78
N GLY B 33 2.14 -5.19 15.89
CA GLY B 33 1.81 -5.45 14.51
C GLY B 33 2.08 -4.25 13.64
N ILE B 34 2.32 -3.11 14.26
CA ILE B 34 2.41 -1.85 13.55
C ILE B 34 3.60 -1.70 12.62
N TYR B 35 4.79 -1.98 13.13
CA TYR B 35 5.97 -1.78 12.35
C TYR B 35 5.78 -2.39 11.00
N ASP B 36 5.63 -3.69 10.94
CA ASP B 36 5.57 -4.40 9.65
C ASP B 36 4.86 -3.58 8.62
N ARG B 37 3.87 -2.79 8.98
CA ARG B 37 3.16 -1.96 8.01
C ARG B 37 3.77 -0.67 7.55
N TYR B 38 5.01 -0.49 7.92
CA TYR B 38 5.88 0.51 7.36
C TYR B 38 6.91 -0.17 6.51
N ILE B 39 7.10 -1.45 6.76
CA ILE B 39 7.95 -2.27 5.96
C ILE B 39 7.24 -2.56 4.66
N ALA B 40 5.93 -2.65 4.76
CA ALA B 40 5.03 -2.94 3.65
C ALA B 40 4.61 -1.72 2.81
N TRP B 41 4.36 -0.57 3.43
CA TRP B 41 4.16 0.71 2.73
C TRP B 41 5.38 1.11 1.86
N HIS B 42 6.59 0.99 2.40
CA HIS B 42 7.83 1.32 1.69
C HIS B 42 8.09 0.39 0.58
N GLY B 43 7.66 -0.85 0.75
CA GLY B 43 7.73 -1.83 -0.30
C GLY B 43 6.68 -1.66 -1.37
N ALA B 44 5.43 -1.44 -0.99
CA ALA B 44 4.39 -1.22 -1.98
C ALA B 44 4.80 -0.06 -2.90
N ALA B 45 5.16 1.06 -2.30
CA ALA B 45 5.35 2.27 -3.06
C ALA B 45 6.68 2.22 -3.74
N GLY B 46 7.02 1.08 -4.30
CA GLY B 46 8.28 0.98 -4.98
C GLY B 46 8.18 -0.14 -5.98
N LYS B 47 6.97 -0.66 -6.09
CA LYS B 47 6.59 -1.47 -7.20
C LYS B 47 5.61 -0.54 -7.82
N PHE B 48 5.43 0.65 -7.28
CA PHE B 48 4.40 1.48 -7.88
C PHE B 48 4.86 2.56 -8.82
N HIS B 49 5.25 2.16 -10.02
CA HIS B 49 5.85 3.06 -11.01
C HIS B 49 4.90 4.14 -11.54
N THR B 50 5.40 5.37 -11.61
CA THR B 50 4.56 6.51 -11.98
C THR B 50 5.08 7.35 -13.14
N PRO B 51 4.60 7.06 -14.34
CA PRO B 51 3.61 6.00 -14.55
C PRO B 51 4.22 4.61 -14.41
N PRO B 52 3.48 3.59 -14.83
CA PRO B 52 3.95 2.21 -14.75
C PRO B 52 4.89 1.85 -15.91
N GLY B 53 5.97 1.15 -15.59
CA GLY B 53 6.91 0.75 -16.58
C GLY B 53 7.95 1.82 -16.71
N SER B 54 7.68 2.98 -16.17
CA SER B 54 8.72 3.95 -16.07
C SER B 54 9.65 3.38 -15.12
N ASP B 55 10.68 4.19 -14.91
CA ASP B 55 11.73 3.86 -13.96
C ASP B 55 11.42 4.45 -12.58
N ARG B 56 10.58 5.50 -12.54
CA ARG B 56 10.20 6.16 -11.28
C ARG B 56 9.18 5.32 -10.57
N ASN B 57 9.25 5.39 -9.23
CA ASN B 57 8.22 4.93 -8.32
C ASN B 57 7.74 6.04 -7.47
N ALA B 58 6.55 5.91 -6.94
CA ALA B 58 6.01 6.96 -6.12
C ALA B 58 6.93 7.47 -5.10
N ALA B 59 7.99 6.88 -4.83
CA ALA B 59 8.95 7.34 -3.86
C ALA B 59 10.28 7.61 -4.41
N HIS B 60 10.94 6.55 -4.83
CA HIS B 60 12.35 6.72 -5.16
C HIS B 60 12.43 7.19 -6.59
N MET B 61 13.59 7.50 -7.08
CA MET B 61 13.77 7.81 -8.48
C MET B 61 12.62 8.62 -9.01
N SER B 62 12.36 9.77 -8.42
CA SER B 62 11.45 10.79 -9.01
C SER B 62 11.51 12.02 -8.11
N SER B 63 10.57 12.94 -8.35
CA SER B 63 10.47 14.10 -7.48
C SER B 63 9.49 14.05 -6.27
N ALA B 64 9.04 12.87 -5.90
CA ALA B 64 8.28 12.60 -4.69
C ALA B 64 9.16 12.06 -3.57
N PHE B 65 10.27 11.45 -3.95
CA PHE B 65 11.22 10.88 -3.01
C PHE B 65 11.36 11.52 -1.65
N LEU B 66 11.43 12.84 -1.57
CA LEU B 66 11.64 13.43 -0.27
C LEU B 66 10.41 13.69 0.57
N PRO B 67 9.32 14.15 -0.02
CA PRO B 67 8.16 14.43 0.81
C PRO B 67 7.50 13.13 1.15
N TRP B 68 7.75 12.14 0.32
CA TRP B 68 7.20 10.83 0.60
C TRP B 68 7.79 10.34 1.89
N HIS B 69 9.11 10.22 1.90
CA HIS B 69 9.83 9.79 3.07
C HIS B 69 9.69 10.79 4.21
N ARG B 70 9.18 11.98 3.92
CA ARG B 70 8.87 12.95 4.95
C ARG B 70 7.63 12.54 5.72
N GLU B 71 6.51 12.33 5.04
CA GLU B 71 5.30 11.89 5.73
C GLU B 71 5.23 10.37 5.96
N TYR B 72 6.34 9.71 5.68
CA TYR B 72 6.59 8.33 6.07
C TYR B 72 7.21 8.38 7.43
N LEU B 73 8.21 9.22 7.58
CA LEU B 73 8.78 9.52 8.89
C LEU B 73 7.76 10.15 9.83
N LEU B 74 7.17 11.25 9.38
CA LEU B 74 6.05 11.87 10.08
C LEU B 74 5.05 10.89 10.75
N ARG B 75 4.40 10.08 9.97
CA ARG B 75 3.43 9.17 10.50
C ARG B 75 4.02 7.89 11.08
N PHE B 76 5.33 7.87 11.24
CA PHE B 76 6.03 6.82 11.96
C PHE B 76 6.35 7.33 13.36
N GLU B 77 6.47 8.65 13.47
CA GLU B 77 6.71 9.30 14.75
C GLU B 77 5.57 9.18 15.75
N ARG B 78 4.45 9.84 15.45
CA ARG B 78 3.25 9.70 16.26
C ARG B 78 3.03 8.34 16.90
N ASP B 79 2.87 7.31 16.07
CA ASP B 79 2.80 5.96 16.55
C ASP B 79 4.03 5.66 17.39
N LEU B 80 5.00 6.57 17.46
CA LEU B 80 5.90 6.52 18.60
C LEU B 80 5.35 7.37 19.72
N GLN B 81 4.90 8.55 19.35
CA GLN B 81 4.33 9.45 20.32
C GLN B 81 3.06 8.94 20.94
N SER B 82 2.44 7.96 20.35
CA SER B 82 1.26 7.44 20.97
C SER B 82 1.65 6.36 21.93
N ILE B 83 2.89 5.88 21.80
CA ILE B 83 3.42 4.85 22.69
C ILE B 83 4.31 5.46 23.76
N ASN B 84 4.89 6.62 23.44
CA ASN B 84 5.78 7.33 24.36
C ASN B 84 5.87 8.81 24.01
N PRO B 85 4.84 9.55 24.39
CA PRO B 85 4.76 10.98 24.09
C PRO B 85 6.12 11.66 23.93
N GLU B 86 7.05 11.40 24.85
CA GLU B 86 8.33 12.09 24.85
C GLU B 86 9.46 11.32 24.18
N VAL B 87 9.10 10.46 23.25
CA VAL B 87 10.05 9.92 22.29
C VAL B 87 9.88 10.58 20.93
N THR B 88 10.96 11.13 20.40
CA THR B 88 10.92 11.65 19.04
C THR B 88 11.90 10.89 18.16
N LEU B 89 11.84 11.12 16.86
CA LEU B 89 12.71 10.45 15.90
C LEU B 89 14.04 11.17 15.74
N PRO B 90 15.12 10.52 16.15
CA PRO B 90 16.46 11.09 16.03
C PRO B 90 17.05 10.82 14.65
N TYR B 91 18.00 11.65 14.22
CA TYR B 91 18.64 11.49 12.92
C TYR B 91 20.08 10.99 13.05
N TRP B 92 20.59 10.40 11.97
CA TRP B 92 21.94 9.90 11.97
C TRP B 92 22.78 10.74 11.09
N GLU B 93 23.56 11.66 11.67
CA GLU B 93 24.31 12.60 10.85
C GLU B 93 25.52 11.94 10.21
N TRP B 94 25.29 11.08 9.21
CA TRP B 94 26.36 10.22 8.75
C TRP B 94 27.60 10.96 8.19
N GLU B 95 27.47 12.22 7.81
CA GLU B 95 28.62 12.95 7.30
C GLU B 95 29.75 13.07 8.34
N THR B 96 29.39 13.29 9.60
CA THR B 96 30.36 13.44 10.70
C THR B 96 30.99 12.11 11.13
N ASP B 97 30.21 11.04 10.99
CA ASP B 97 30.65 9.68 11.28
C ASP B 97 31.62 9.24 10.23
N ALA B 98 31.49 9.85 9.05
CA ALA B 98 32.35 9.58 7.92
C ALA B 98 33.78 9.96 8.24
N GLN B 99 33.93 11.01 9.05
CA GLN B 99 35.25 11.52 9.40
C GLN B 99 36.00 10.57 10.33
N MET B 100 35.30 9.70 11.03
CA MET B 100 35.95 8.80 11.96
C MET B 100 37.07 8.01 11.30
N GLN B 101 37.97 7.46 12.10
CA GLN B 101 38.98 6.54 11.61
C GLN B 101 38.24 5.25 11.17
N ASP B 102 37.30 4.84 12.00
CA ASP B 102 36.48 3.69 11.69
C ASP B 102 35.07 3.94 12.22
N PRO B 103 34.16 4.39 11.39
CA PRO B 103 32.82 4.77 11.86
C PRO B 103 32.07 3.61 12.48
N SER B 104 32.47 2.40 12.12
CA SER B 104 31.80 1.26 12.74
C SER B 104 31.85 1.42 14.25
N GLN B 105 32.61 2.40 14.70
CA GLN B 105 32.67 2.65 16.13
C GLN B 105 31.97 3.94 16.46
N SER B 106 30.79 4.11 15.90
CA SER B 106 29.95 5.25 16.23
C SER B 106 29.05 4.82 17.38
N GLN B 107 28.74 5.76 18.26
CA GLN B 107 27.93 5.47 19.43
C GLN B 107 26.60 4.92 18.98
N ILE B 108 26.39 4.94 17.68
CA ILE B 108 25.11 4.54 17.12
C ILE B 108 25.11 3.07 16.86
N TRP B 109 26.29 2.50 16.73
CA TRP B 109 26.37 1.09 16.53
C TRP B 109 26.70 0.43 17.83
N SER B 110 26.59 1.20 18.90
CA SER B 110 26.76 0.71 20.24
C SER B 110 25.70 -0.30 20.41
N ALA B 111 25.77 -1.06 21.49
CA ALA B 111 25.01 -2.28 21.68
C ALA B 111 23.95 -2.05 22.71
N ASP B 112 23.23 -0.96 22.57
CA ASP B 112 22.21 -0.60 23.51
C ASP B 112 21.21 0.17 22.73
N PHE B 113 21.55 0.34 21.46
CA PHE B 113 20.76 1.00 20.45
C PHE B 113 20.28 0.17 19.28
N MET B 114 21.05 0.14 18.20
CA MET B 114 20.74 -0.77 17.12
C MET B 114 21.63 -1.98 17.16
N GLY B 115 22.82 -1.82 17.70
CA GLY B 115 23.71 -2.94 17.78
C GLY B 115 24.89 -2.69 16.89
N GLY B 116 25.52 -3.75 16.39
CA GLY B 116 26.75 -3.51 15.63
C GLY B 116 26.74 -4.01 14.20
N ASN B 117 27.92 -4.21 13.61
CA ASN B 117 28.02 -4.76 12.25
C ASN B 117 27.71 -6.27 12.22
N GLY B 118 27.39 -6.79 11.04
CA GLY B 118 27.07 -8.19 10.90
C GLY B 118 28.27 -9.07 11.22
N ASN B 119 28.00 -10.31 11.61
CA ASN B 119 29.05 -11.26 11.94
C ASN B 119 29.34 -12.13 10.72
N PRO B 120 30.57 -12.03 10.25
CA PRO B 120 31.07 -12.77 9.11
C PRO B 120 30.66 -14.21 9.15
N ILE B 121 30.98 -14.87 10.25
CA ILE B 121 30.71 -16.29 10.54
C ILE B 121 29.23 -16.72 10.40
N LYS B 122 28.30 -15.84 10.77
CA LYS B 122 26.87 -16.14 10.67
C LYS B 122 26.24 -15.53 9.44
N ASP B 123 27.04 -15.27 8.40
CA ASP B 123 26.49 -14.73 7.14
C ASP B 123 25.98 -13.31 7.36
N PHE B 124 26.78 -12.56 8.13
CA PHE B 124 26.58 -11.14 8.47
C PHE B 124 25.26 -10.81 9.19
N ILE B 125 24.72 -11.83 9.86
CA ILE B 125 23.61 -11.68 10.78
C ILE B 125 24.03 -10.97 12.07
N VAL B 126 23.42 -9.82 12.29
CA VAL B 126 23.63 -8.96 13.46
C VAL B 126 23.26 -9.62 14.77
N ASP B 127 24.27 -9.91 15.60
CA ASP B 127 24.11 -10.69 16.82
C ASP B 127 24.28 -9.87 18.11
N THR B 128 24.34 -8.54 17.97
CA THR B 128 24.53 -7.61 19.08
C THR B 128 23.55 -6.47 19.02
N GLY B 129 23.02 -6.10 20.17
CA GLY B 129 22.15 -4.95 20.26
C GLY B 129 20.74 -5.44 20.10
N PRO B 130 19.78 -4.55 20.35
CA PRO B 130 18.35 -4.84 20.56
C PRO B 130 17.67 -5.46 19.37
N PHE B 131 18.28 -5.39 18.19
CA PHE B 131 17.62 -5.92 17.01
C PHE B 131 18.34 -7.15 16.47
N ALA B 132 19.17 -7.77 17.31
CA ALA B 132 19.87 -8.99 16.92
C ALA B 132 18.87 -10.08 16.51
N ALA B 133 19.30 -10.94 15.58
CA ALA B 133 18.51 -12.10 15.21
C ALA B 133 18.18 -12.91 16.46
N GLY B 134 16.88 -13.07 16.72
CA GLY B 134 16.42 -13.73 17.92
C GLY B 134 15.58 -12.81 18.81
N ARG B 135 15.80 -11.51 18.66
CA ARG B 135 15.09 -10.51 19.45
C ARG B 135 14.34 -9.57 18.50
N TRP B 136 14.58 -9.74 17.22
CA TRP B 136 13.92 -8.99 16.18
C TRP B 136 13.52 -9.90 15.03
N THR B 137 12.64 -9.41 14.16
CA THR B 137 12.00 -10.27 13.17
C THR B 137 11.79 -9.58 11.83
N THR B 138 12.50 -10.03 10.80
CA THR B 138 12.45 -9.36 9.53
C THR B 138 11.66 -10.09 8.46
N ILE B 139 11.23 -9.32 7.47
CA ILE B 139 10.35 -9.75 6.39
C ILE B 139 11.04 -9.57 5.02
N ASP B 140 11.01 -10.62 4.20
CA ASP B 140 11.55 -10.59 2.82
C ASP B 140 10.62 -9.88 1.82
N GLU B 141 11.04 -9.83 0.56
CA GLU B 141 10.29 -9.06 -0.43
C GLU B 141 8.86 -9.59 -0.63
N GLN B 142 8.68 -10.87 -0.37
CA GLN B 142 7.42 -11.50 -0.66
C GLN B 142 6.39 -11.20 0.41
N GLY B 143 6.83 -10.56 1.49
CA GLY B 143 5.95 -10.36 2.62
C GLY B 143 5.89 -11.55 3.56
N ASN B 144 6.80 -12.48 3.35
CA ASN B 144 6.95 -13.60 4.24
C ASN B 144 8.19 -13.37 5.09
N PRO B 145 8.12 -13.81 6.34
CA PRO B 145 9.25 -13.95 7.26
C PRO B 145 10.61 -14.25 6.63
N SER B 146 11.68 -13.69 7.22
CA SER B 146 13.03 -13.73 6.67
C SER B 146 14.02 -14.39 7.58
N GLY B 147 14.08 -13.95 8.83
CA GLY B 147 14.98 -14.52 9.80
C GLY B 147 15.66 -13.19 10.11
N GLY B 148 16.71 -13.25 10.93
CA GLY B 148 17.44 -12.06 11.31
C GLY B 148 18.06 -10.97 10.46
N LEU B 149 18.15 -9.77 11.02
CA LEU B 149 18.81 -8.66 10.37
C LEU B 149 20.15 -9.07 9.83
N LYS B 150 20.61 -8.29 8.88
CA LYS B 150 21.94 -8.43 8.35
C LYS B 150 22.51 -7.07 8.03
N ARG B 151 23.78 -6.89 8.39
CA ARG B 151 24.54 -5.72 8.00
C ARG B 151 25.95 -6.11 7.54
N ASN B 152 26.57 -5.17 6.85
CA ASN B 152 27.93 -5.28 6.39
C ASN B 152 28.18 -3.84 5.95
N PHE B 153 28.71 -3.05 6.88
CA PHE B 153 29.24 -1.75 6.55
C PHE B 153 30.39 -1.96 5.61
N GLY B 154 30.40 -1.10 4.61
CA GLY B 154 31.50 -0.86 3.68
C GLY B 154 32.11 -2.05 2.98
N ALA B 155 31.32 -3.07 2.67
CA ALA B 155 31.85 -4.26 2.05
C ALA B 155 31.49 -4.28 0.59
N THR B 156 30.91 -3.18 0.16
CA THR B 156 30.63 -2.89 -1.24
C THR B 156 31.71 -2.01 -1.90
N LYS B 157 32.21 -2.48 -3.06
CA LYS B 157 33.17 -1.76 -3.91
C LYS B 157 32.63 -0.41 -4.35
N GLU B 158 31.33 -0.36 -4.54
CA GLU B 158 30.62 0.78 -5.05
C GLU B 158 30.16 1.73 -3.95
N ALA B 159 30.41 1.36 -2.70
CA ALA B 159 30.23 2.24 -1.55
C ALA B 159 31.00 1.74 -0.33
N PRO B 160 32.32 1.96 -0.34
CA PRO B 160 33.24 1.61 0.77
C PRO B 160 33.27 2.62 1.93
N THR B 161 32.69 3.79 1.74
CA THR B 161 32.73 4.82 2.75
C THR B 161 31.44 5.58 2.74
N LEU B 162 31.11 6.18 3.88
CA LEU B 162 29.93 6.99 4.02
C LEU B 162 30.12 8.33 3.39
N PRO B 163 29.05 8.96 2.94
CA PRO B 163 29.23 10.31 2.38
C PRO B 163 29.85 11.29 3.40
N THR B 164 30.46 12.38 2.91
CA THR B 164 31.15 13.38 3.76
C THR B 164 30.42 14.71 3.87
N ARG B 165 30.91 15.58 4.75
CA ARG B 165 30.28 16.86 4.97
C ARG B 165 30.36 17.67 3.70
N ASP B 166 31.49 17.53 3.02
CA ASP B 166 31.62 18.16 1.73
C ASP B 166 30.49 17.71 0.83
N ASP B 167 30.36 16.41 0.63
CA ASP B 167 29.33 15.86 -0.26
C ASP B 167 28.05 16.65 -0.07
N VAL B 168 27.71 16.85 1.20
CA VAL B 168 26.43 17.44 1.62
C VAL B 168 26.35 18.94 1.39
N LEU B 169 27.45 19.63 1.68
CA LEU B 169 27.57 21.07 1.46
C LEU B 169 27.40 21.41 -0.01
N ASN B 170 27.91 20.51 -0.86
CA ASN B 170 27.79 20.61 -2.31
C ASN B 170 26.36 20.47 -2.75
N ALA B 171 25.65 19.55 -2.12
CA ALA B 171 24.28 19.26 -2.53
C ALA B 171 23.33 20.41 -2.17
N LEU B 172 23.56 21.01 -1.01
CA LEU B 172 22.79 22.17 -0.56
C LEU B 172 22.98 23.41 -1.43
N LYS B 173 23.97 23.34 -2.31
CA LYS B 173 24.34 24.42 -3.20
C LYS B 173 23.35 24.51 -4.31
N ILE B 174 22.82 23.34 -4.69
CA ILE B 174 21.99 23.20 -5.89
C ILE B 174 20.72 24.02 -5.92
N THR B 175 20.60 24.85 -6.95
CA THR B 175 19.54 25.84 -7.03
C THR B 175 18.14 25.26 -7.28
N GLN B 176 18.05 24.22 -8.12
CA GLN B 176 16.78 23.58 -8.45
C GLN B 176 16.38 22.41 -7.51
N TYR B 177 15.12 22.39 -7.06
CA TYR B 177 14.61 21.24 -6.33
C TYR B 177 14.75 19.97 -7.18
N ASP B 178 14.10 19.97 -8.35
CA ASP B 178 14.21 18.89 -9.35
C ASP B 178 14.10 19.46 -10.79
N THR B 179 14.67 18.71 -11.75
CA THR B 179 14.68 19.10 -13.17
C THR B 179 14.28 18.00 -14.15
N PRO B 180 13.42 18.33 -15.10
CA PRO B 180 12.92 17.36 -16.05
C PRO B 180 14.05 16.45 -16.38
N PRO B 181 13.80 15.20 -16.73
CA PRO B 181 12.44 14.65 -16.75
C PRO B 181 11.94 14.24 -15.37
N TRP B 182 12.66 14.55 -14.30
CA TRP B 182 12.22 14.18 -12.95
C TRP B 182 12.64 12.81 -12.44
N ASP B 183 13.58 12.15 -13.08
CA ASP B 183 14.09 10.85 -12.60
C ASP B 183 15.56 10.67 -12.34
N MET B 184 16.05 9.44 -12.45
CA MET B 184 17.44 9.17 -12.14
C MET B 184 18.39 10.07 -12.90
N THR B 185 18.01 10.51 -14.11
CA THR B 185 18.92 11.35 -14.93
C THR B 185 18.80 12.88 -14.76
N SER B 186 17.90 13.33 -13.90
CA SER B 186 17.74 14.77 -13.66
C SER B 186 19.07 15.46 -13.28
N GLN B 187 19.51 16.43 -14.08
CA GLN B 187 20.76 17.14 -13.80
C GLN B 187 20.48 18.38 -12.95
N ASN B 188 21.51 18.93 -12.30
CA ASN B 188 21.31 20.10 -11.46
C ASN B 188 19.99 20.00 -10.71
N SER B 189 19.77 18.86 -10.06
CA SER B 189 18.53 18.59 -9.34
C SER B 189 18.79 18.20 -7.90
N PHE B 190 18.50 19.11 -6.97
CA PHE B 190 18.81 18.89 -5.56
C PHE B 190 18.36 17.52 -5.15
N ARG B 191 17.12 17.18 -5.52
CA ARG B 191 16.53 15.91 -5.12
C ARG B 191 17.38 14.71 -5.59
N ASN B 192 17.71 14.68 -6.88
CA ASN B 192 18.43 13.57 -7.49
C ASN B 192 19.73 13.42 -6.76
N GLN B 193 20.39 14.54 -6.54
CA GLN B 193 21.70 14.46 -5.94
C GLN B 193 21.61 14.04 -4.49
N LEU B 194 20.69 14.61 -3.74
CA LEU B 194 20.50 14.19 -2.36
C LEU B 194 20.13 12.71 -2.24
N GLU B 195 19.29 12.23 -3.15
CA GLU B 195 19.04 10.79 -3.29
C GLU B 195 20.36 10.08 -3.54
N GLY B 196 21.03 10.51 -4.59
CA GLY B 196 22.43 10.19 -4.79
C GLY B 196 22.66 9.50 -6.08
N PHE B 197 22.00 9.95 -7.12
CA PHE B 197 22.06 9.24 -8.36
C PHE B 197 23.01 9.92 -9.31
N ILE B 198 23.48 11.10 -8.92
CA ILE B 198 24.49 11.79 -9.66
C ILE B 198 25.78 11.17 -9.21
N ASN B 199 26.46 10.49 -10.11
CA ASN B 199 27.59 9.67 -9.74
C ASN B 199 27.16 8.70 -8.66
N GLY B 200 26.31 7.76 -9.01
CA GLY B 200 25.87 6.77 -8.04
C GLY B 200 27.10 6.14 -7.45
N PRO B 201 27.10 5.85 -6.17
CA PRO B 201 25.91 5.89 -5.33
C PRO B 201 26.14 6.82 -4.17
N GLN B 202 25.84 8.08 -4.36
CA GLN B 202 26.28 9.11 -3.42
C GLN B 202 25.23 9.31 -2.37
N LEU B 203 25.61 10.00 -1.30
CA LEU B 203 24.66 10.39 -0.26
C LEU B 203 23.67 9.28 0.22
N HIS B 204 22.40 9.56 0.11
CA HIS B 204 21.46 8.59 0.54
C HIS B 204 21.82 7.29 -0.07
N ASN B 205 21.66 7.15 -1.36
CA ASN B 205 21.91 5.85 -1.95
C ASN B 205 23.10 5.15 -1.32
N ARG B 206 24.16 5.90 -1.09
CA ARG B 206 25.45 5.38 -0.67
C ARG B 206 25.40 4.57 0.60
N VAL B 207 24.78 5.12 1.63
CA VAL B 207 24.57 4.35 2.84
C VAL B 207 23.92 3.01 2.79
N HIS B 208 22.70 3.01 2.31
CA HIS B 208 22.01 1.76 2.14
C HIS B 208 22.71 1.20 0.94
N ARG B 209 24.01 1.36 0.87
CA ARG B 209 24.89 0.63 -0.03
C ARG B 209 26.09 0.41 0.89
N TRP B 210 26.29 1.35 1.81
CA TRP B 210 27.36 1.25 2.76
C TRP B 210 26.93 0.33 3.88
N VAL B 211 25.68 0.46 4.34
CA VAL B 211 25.27 -0.38 5.47
C VAL B 211 25.08 -1.86 5.12
N GLY B 212 24.69 -2.14 3.89
CA GLY B 212 24.57 -3.53 3.50
C GLY B 212 23.29 -4.22 3.97
N GLY B 213 23.27 -5.54 3.89
CA GLY B 213 22.08 -6.30 4.22
C GLY B 213 20.78 -5.67 3.71
N GLN B 214 19.72 -5.79 4.48
CA GLN B 214 18.44 -5.25 4.09
C GLN B 214 18.42 -3.74 3.98
N MET B 215 19.57 -3.09 3.98
CA MET B 215 19.53 -1.65 3.91
C MET B 215 20.15 -1.23 2.60
N GLY B 216 20.19 -2.18 1.69
CA GLY B 216 20.80 -1.94 0.39
C GLY B 216 19.83 -2.37 -0.64
N VAL B 217 19.13 -3.46 -0.36
CA VAL B 217 18.14 -4.01 -1.31
C VAL B 217 16.89 -3.14 -1.35
N VAL B 218 16.90 -2.05 -0.61
CA VAL B 218 15.77 -1.12 -0.59
C VAL B 218 14.49 -1.78 -0.11
N PRO B 219 13.62 -2.13 -1.06
CA PRO B 219 12.33 -2.74 -0.73
C PRO B 219 12.26 -3.21 0.72
N THR B 220 13.27 -3.96 1.14
CA THR B 220 13.32 -4.49 2.50
C THR B 220 13.95 -3.47 3.46
N ALA B 221 14.71 -2.53 2.90
CA ALA B 221 15.38 -1.50 3.70
C ALA B 221 14.72 -1.10 5.02
N PRO B 222 13.39 -1.01 5.07
CA PRO B 222 12.84 -0.59 6.35
C PRO B 222 12.94 -1.70 7.40
N ASN B 223 13.38 -2.89 7.04
CA ASN B 223 13.53 -3.93 8.05
C ASN B 223 14.40 -3.45 9.22
N ASP B 224 15.37 -2.64 8.88
CA ASP B 224 16.41 -2.28 9.79
C ASP B 224 16.05 -0.91 10.37
N PRO B 225 15.94 -0.82 11.72
CA PRO B 225 15.47 0.38 12.43
C PRO B 225 16.17 1.67 12.00
N VAL B 226 17.44 1.55 11.64
CA VAL B 226 18.30 2.69 11.34
C VAL B 226 17.96 3.32 9.99
N PHE B 227 17.26 2.57 9.15
CA PHE B 227 16.59 3.17 8.01
C PHE B 227 16.03 4.52 8.44
N PHE B 228 15.26 4.54 9.53
CA PHE B 228 14.59 5.77 9.95
C PHE B 228 15.51 6.84 10.51
N LEU B 229 16.60 6.39 11.11
CA LEU B 229 17.58 7.33 11.61
C LEU B 229 18.15 7.98 10.36
N HIS B 230 18.38 7.13 9.37
CA HIS B 230 18.94 7.58 8.13
C HIS B 230 18.09 8.67 7.47
N HIS B 231 16.83 8.35 7.17
CA HIS B 231 15.97 9.28 6.45
C HIS B 231 15.58 10.46 7.32
N ALA B 232 15.94 10.40 8.59
CA ALA B 232 15.73 11.54 9.45
C ALA B 232 16.69 12.58 8.96
N ASN B 233 17.93 12.15 8.79
CA ASN B 233 19.01 13.02 8.40
C ASN B 233 18.76 13.52 7.01
N VAL B 234 18.29 12.62 6.17
CA VAL B 234 17.94 13.04 4.84
C VAL B 234 16.90 14.14 4.97
N ASP B 235 15.92 13.96 5.87
CA ASP B 235 14.84 14.94 5.95
C ASP B 235 15.34 16.29 6.45
N ARG B 236 16.22 16.24 7.42
CA ARG B 236 16.76 17.45 8.00
C ARG B 236 17.70 18.12 7.03
N ILE B 237 18.32 17.37 6.14
CA ILE B 237 19.13 18.07 5.16
C ILE B 237 18.20 18.85 4.24
N TRP B 238 16.99 18.32 4.04
CA TRP B 238 16.05 18.91 3.12
C TRP B 238 15.31 20.03 3.74
N ALA B 239 15.22 20.01 5.06
CA ALA B 239 14.71 21.12 5.81
C ALA B 239 15.70 22.26 5.72
N VAL B 240 16.98 21.92 5.77
CA VAL B 240 18.06 22.90 5.61
C VAL B 240 18.06 23.59 4.26
N TRP B 241 18.13 22.79 3.19
CA TRP B 241 18.06 23.32 1.84
C TRP B 241 16.84 24.24 1.70
N GLN B 242 15.79 23.86 2.41
CA GLN B 242 14.49 24.45 2.26
C GLN B 242 14.60 25.91 2.56
N ILE B 243 15.38 26.22 3.57
CA ILE B 243 15.50 27.60 4.04
C ILE B 243 16.45 28.37 3.15
N ILE B 244 17.69 27.93 3.12
CA ILE B 244 18.64 28.52 2.20
C ILE B 244 17.98 29.00 0.94
N HIS B 245 17.38 28.09 0.19
CA HIS B 245 16.59 28.52 -0.93
C HIS B 245 15.13 28.57 -0.43
N ARG B 246 14.89 29.34 0.63
CA ARG B 246 13.52 29.52 1.16
C ARG B 246 12.58 29.68 0.01
N ASN B 247 13.11 30.30 -1.02
CA ASN B 247 12.44 30.54 -2.26
C ASN B 247 12.18 29.38 -3.17
N GLN B 248 13.18 28.52 -3.22
CA GLN B 248 13.01 27.29 -3.92
C GLN B 248 11.92 26.40 -3.32
N ASN B 249 10.99 26.08 -4.21
CA ASN B 249 9.83 25.29 -3.86
C ASN B 249 9.87 24.02 -4.70
N TYR B 250 8.82 23.23 -4.55
CA TYR B 250 8.73 21.96 -5.24
C TYR B 250 8.51 22.18 -6.70
N GLN B 251 9.17 21.36 -7.49
CA GLN B 251 8.88 21.24 -8.89
C GLN B 251 8.99 19.73 -9.14
N PRO B 252 8.12 19.17 -9.99
CA PRO B 252 7.19 19.91 -10.85
C PRO B 252 5.96 20.35 -10.14
N MET B 253 5.34 21.40 -10.66
CA MET B 253 4.09 21.91 -10.15
C MET B 253 2.93 21.21 -10.84
N LYS B 254 3.23 20.85 -12.06
CA LYS B 254 2.41 20.01 -12.86
C LYS B 254 2.98 19.66 -14.23
N ASN B 255 2.51 18.52 -14.73
CA ASN B 255 3.07 17.91 -15.92
C ASN B 255 3.99 16.77 -15.48
N GLY B 256 4.11 16.67 -14.18
CA GLY B 256 4.72 15.52 -13.58
C GLY B 256 3.84 14.30 -13.66
N PRO B 257 4.45 13.19 -14.02
CA PRO B 257 3.71 11.95 -13.98
C PRO B 257 2.79 12.10 -12.82
N PHE B 258 1.60 11.57 -12.92
CA PHE B 258 0.66 11.56 -11.82
C PHE B 258 1.38 10.85 -10.68
N GLY B 259 1.35 11.52 -9.53
CA GLY B 259 2.02 11.04 -8.33
C GLY B 259 3.33 11.73 -8.06
N GLN B 260 3.68 12.73 -8.85
CA GLN B 260 4.96 13.43 -8.70
C GLN B 260 4.78 14.93 -8.60
N ASN B 261 3.63 15.40 -9.09
CA ASN B 261 3.35 16.81 -9.12
C ASN B 261 3.18 17.30 -7.69
N PHE B 262 2.81 18.56 -7.49
CA PHE B 262 2.84 19.16 -6.17
C PHE B 262 1.53 19.15 -5.47
N ARG B 263 0.52 18.65 -6.18
CA ARG B 263 -0.84 18.55 -5.66
C ARG B 263 -1.44 17.22 -6.06
N ASP B 264 -0.57 16.22 -6.22
CA ASP B 264 -1.00 14.86 -6.51
C ASP B 264 -0.63 13.92 -5.37
N PRO B 265 -1.65 13.36 -4.70
CA PRO B 265 -1.44 12.46 -3.59
C PRO B 265 -0.32 11.43 -3.78
N MET B 266 0.22 10.90 -2.71
CA MET B 266 1.38 10.01 -2.79
C MET B 266 1.05 8.60 -2.30
N TYR B 267 0.76 7.71 -3.25
CA TYR B 267 0.58 6.31 -2.93
C TYR B 267 1.65 6.11 -1.89
N PRO B 268 1.33 5.36 -0.83
CA PRO B 268 0.01 4.76 -0.60
C PRO B 268 -0.97 5.61 0.22
N TRP B 269 -0.73 6.90 0.33
CA TRP B 269 -1.64 7.74 1.10
C TRP B 269 -2.30 8.65 0.09
N ASN B 270 -3.13 9.57 0.60
CA ASN B 270 -3.73 10.59 -0.24
C ASN B 270 -2.98 11.87 0.02
N THR B 271 -1.92 11.76 0.80
CA THR B 271 -1.07 12.89 1.14
C THR B 271 -0.31 13.44 -0.06
N THR B 272 -0.14 14.76 -0.09
CA THR B 272 0.58 15.41 -1.18
C THR B 272 1.68 16.32 -0.64
N PRO B 273 2.71 16.52 -1.44
CA PRO B 273 3.84 17.38 -1.05
C PRO B 273 3.38 18.70 -0.46
N GLU B 274 2.38 19.32 -1.09
CA GLU B 274 1.85 20.58 -0.63
C GLU B 274 1.66 20.35 0.83
N ASP B 275 1.29 19.12 1.18
CA ASP B 275 0.90 18.80 2.55
C ASP B 275 2.09 18.60 3.47
N VAL B 276 3.28 18.44 2.91
CA VAL B 276 4.46 18.13 3.72
C VAL B 276 5.67 19.01 3.38
N MET B 277 5.38 20.21 2.93
CA MET B 277 6.40 21.17 2.54
C MET B 277 6.94 21.95 3.69
N ASN B 278 6.45 21.67 4.89
CA ASN B 278 6.95 22.35 6.07
C ASN B 278 7.18 21.34 7.15
N HIS B 279 8.29 21.40 7.86
CA HIS B 279 8.43 20.44 8.88
C HIS B 279 7.96 21.09 10.09
N ARG B 280 7.65 22.37 9.99
CA ARG B 280 7.20 23.03 11.20
C ARG B 280 5.69 22.80 11.36
N LYS B 281 4.92 23.18 10.34
CA LYS B 281 3.49 22.88 10.28
C LYS B 281 3.21 21.42 10.62
N LEU B 282 4.21 20.56 10.42
CA LEU B 282 4.04 19.16 10.77
C LEU B 282 4.25 18.99 12.28
N GLY B 283 4.79 20.03 12.91
CA GLY B 283 4.85 20.09 14.35
C GLY B 283 6.11 19.44 14.86
N TYR B 284 7.16 19.49 14.06
CA TYR B 284 8.47 19.01 14.52
C TYR B 284 9.59 19.78 13.88
N VAL B 285 10.61 20.08 14.68
CA VAL B 285 11.73 20.86 14.24
C VAL B 285 12.98 20.23 14.77
N TYR B 286 14.01 20.24 13.94
CA TYR B 286 15.19 19.46 14.16
C TYR B 286 16.10 20.22 15.11
N ASP B 287 16.86 19.50 15.94
CA ASP B 287 17.60 20.10 17.03
C ASP B 287 18.23 21.00 15.99
N ILE B 288 17.96 22.30 16.12
CA ILE B 288 18.72 23.44 15.64
C ILE B 288 17.88 24.26 14.65
CU CU C . -9.66 -8.45 -2.57
S SDS D . -4.66 -22.20 -5.92
O1S SDS D . -4.27 -23.20 -4.98
O2S SDS D . -5.77 -22.76 -6.82
O3S SDS D . -5.24 -20.89 -5.16
O4 SDS D . -3.53 -21.80 -6.71
C1 SDS D . -5.78 -22.48 -8.22
C2 SDS D . -2.56 -31.95 -4.00
C3 SDS D . -3.32 -31.31 -5.14
C4 SDS D . -3.10 -29.80 -5.17
C5 SDS D . -4.41 -29.07 -5.34
C6 SDS D . -4.30 -27.90 -6.31
C7 SDS D . -2.89 -27.42 -6.53
C8 SDS D . -3.00 -26.28 -7.52
C9 SDS D . -4.35 -26.43 -8.19
C10 SDS D . -5.24 -25.25 -7.88
C11 SDS D . -5.84 -24.76 -9.18
C12 SDS D . -6.64 -23.50 -8.93
CU CU E . 13.87 4.34 0.44
#